data_8K48
#
_entry.id   8K48
#
_cell.length_a   63.776
_cell.length_b   63.776
_cell.length_c   225.397
_cell.angle_alpha   90.000
_cell.angle_beta   90.000
_cell.angle_gamma   90.000
#
_symmetry.space_group_name_H-M   'P 43 21 2'
#
loop_
_entity.id
_entity.type
_entity.pdbx_description
1 polymer 'Protein LHCP TRANSLOCATION DEFECT'
2 water water
#
_entity_poly.entity_id   1
_entity_poly.type   'polypeptide(L)'
_entity_poly.pdbx_seq_one_letter_code
;HHHHHHAENAGIYGSQSRDDFDRDDVEQYFNYMGMLAVEGTYSKMEALLNLNIHPVDILLMLAATEGDRPKIEELLKAGA
DYSVKDADGRTAIDRANSEEIRDLILGYSTQKA
;
_entity_poly.pdbx_strand_id   A,B,C,D
#
# COMPACT_ATOMS: atom_id res chain seq x y z
N SER A 15 -14.88 -17.76 -20.92
CA SER A 15 -16.07 -17.32 -20.15
C SER A 15 -16.01 -15.81 -19.87
N GLN A 16 -15.10 -15.08 -20.53
CA GLN A 16 -15.02 -13.61 -20.34
C GLN A 16 -14.58 -12.93 -21.65
N SER A 17 -15.07 -11.71 -21.90
CA SER A 17 -14.75 -10.99 -23.16
C SER A 17 -14.00 -9.68 -22.87
N ARG A 18 -13.52 -9.02 -23.94
CA ARG A 18 -12.73 -7.77 -23.80
C ARG A 18 -13.52 -6.69 -23.07
N ASP A 19 -14.81 -6.55 -23.38
CA ASP A 19 -15.59 -5.44 -22.79
C ASP A 19 -16.07 -5.76 -21.38
N ASP A 20 -15.65 -6.90 -20.82
CA ASP A 20 -16.02 -7.17 -19.39
C ASP A 20 -14.95 -6.54 -18.48
N PHE A 21 -14.01 -5.79 -19.07
CA PHE A 21 -12.96 -5.11 -18.28
C PHE A 21 -13.10 -3.60 -18.50
N ASP A 22 -13.23 -2.84 -17.42
CA ASP A 22 -13.48 -1.38 -17.54
C ASP A 22 -12.44 -0.58 -16.74
N ARG A 23 -12.64 0.74 -16.65
CA ARG A 23 -11.65 1.59 -15.99
C ARG A 23 -11.49 1.20 -14.52
N ASP A 24 -12.58 0.79 -13.87
CA ASP A 24 -12.51 0.40 -12.46
C ASP A 24 -11.69 -0.86 -12.28
N ASP A 25 -11.76 -1.79 -13.24
CA ASP A 25 -10.93 -2.99 -13.15
C ASP A 25 -9.44 -2.65 -13.19
N VAL A 26 -9.05 -1.67 -14.01
CA VAL A 26 -7.64 -1.29 -14.10
C VAL A 26 -7.16 -0.67 -12.79
N GLU A 27 -7.93 0.28 -12.29
CA GLU A 27 -7.53 1.00 -11.05
C GLU A 27 -7.49 0.00 -9.88
N GLN A 28 -8.46 -0.91 -9.79
CA GLN A 28 -8.49 -1.90 -8.68
C GLN A 28 -7.27 -2.81 -8.73
N TYR A 29 -6.88 -3.26 -9.92
CA TYR A 29 -5.71 -4.17 -10.05
C TYR A 29 -4.47 -3.37 -9.66
N PHE A 30 -4.40 -2.14 -10.15
CA PHE A 30 -3.28 -1.29 -9.73
C PHE A 30 -3.18 -1.20 -8.21
N ASN A 31 -4.29 -0.86 -7.55
CA ASN A 31 -4.25 -0.69 -6.10
C ASN A 31 -3.94 -1.99 -5.40
N TYR A 32 -4.51 -3.10 -5.86
CA TYR A 32 -4.22 -4.39 -5.25
C TYR A 32 -2.74 -4.74 -5.37
N MET A 33 -2.20 -4.66 -6.58
CA MET A 33 -0.78 -4.94 -6.72
C MET A 33 0.05 -3.94 -5.91
N GLY A 34 -0.37 -2.67 -5.88
CA GLY A 34 0.31 -1.72 -5.02
C GLY A 34 0.33 -2.14 -3.57
N MET A 35 -0.77 -2.72 -3.09
CA MET A 35 -0.81 -3.21 -1.73
C MET A 35 0.20 -4.33 -1.52
N LEU A 36 0.23 -5.31 -2.43
CA LEU A 36 1.19 -6.39 -2.28
C LEU A 36 2.62 -5.89 -2.37
N ALA A 37 2.87 -4.85 -3.18
CA ALA A 37 4.21 -4.31 -3.29
C ALA A 37 4.66 -3.68 -1.98
N VAL A 38 3.77 -2.93 -1.32
CA VAL A 38 4.12 -2.34 -0.03
C VAL A 38 4.40 -3.42 1.00
N GLU A 39 3.58 -4.46 1.02
CA GLU A 39 3.80 -5.53 1.99
C GLU A 39 5.12 -6.24 1.73
N GLY A 40 5.41 -6.50 0.46
CA GLY A 40 6.66 -7.18 0.12
C GLY A 40 7.89 -6.35 0.41
N THR A 41 7.85 -5.05 0.11
CA THR A 41 9.04 -4.25 0.35
C THR A 41 9.21 -3.93 1.84
N TYR A 42 8.10 -3.77 2.59
CA TYR A 42 8.18 -3.71 4.06
C TYR A 42 8.82 -4.95 4.64
N SER A 43 8.39 -6.13 4.19
CA SER A 43 8.99 -7.37 4.65
C SER A 43 10.50 -7.37 4.41
N LYS A 44 10.93 -6.95 3.22
CA LYS A 44 12.37 -6.94 2.88
C LYS A 44 13.13 -6.04 3.86
N MET A 45 12.58 -4.86 4.15
CA MET A 45 13.21 -3.90 5.09
C MET A 45 13.43 -4.54 6.45
N GLU A 46 12.41 -5.19 6.99
CA GLU A 46 12.50 -5.79 8.34
C GLU A 46 13.51 -6.93 8.33
N ALA A 47 13.54 -7.71 7.26
CA ALA A 47 14.57 -8.77 7.14
C ALA A 47 15.96 -8.13 7.30
N LEU A 48 16.17 -6.98 6.66
CA LEU A 48 17.47 -6.32 6.73
C LEU A 48 17.74 -5.81 8.13
N LEU A 49 16.77 -5.13 8.73
CA LEU A 49 16.95 -4.61 10.09
C LEU A 49 17.07 -5.75 11.11
N ASN A 50 16.38 -6.88 10.87
CA ASN A 50 16.43 -7.99 11.81
C ASN A 50 17.76 -8.74 11.74
N LEU A 51 18.42 -8.66 10.60
CA LEU A 51 19.83 -9.13 10.58
C LEU A 51 20.52 -7.96 11.26
N ASN A 52 21.62 -8.17 11.98
CA ASN A 52 22.16 -6.97 12.69
C ASN A 52 23.06 -6.19 11.72
N ILE A 53 22.44 -5.59 10.70
CA ILE A 53 23.19 -4.75 9.73
C ILE A 53 23.02 -3.29 10.18
N HIS A 54 24.09 -2.52 10.12
CA HIS A 54 23.97 -1.07 10.47
C HIS A 54 23.03 -0.39 9.45
N PRO A 55 22.15 0.51 9.92
CA PRO A 55 21.27 1.23 9.02
C PRO A 55 22.02 1.90 7.85
N VAL A 56 23.23 2.41 8.06
CA VAL A 56 23.88 3.11 6.95
C VAL A 56 24.21 2.13 5.82
N ASP A 57 24.61 0.90 6.16
CA ASP A 57 24.86 -0.10 5.13
C ASP A 57 23.55 -0.57 4.48
N ILE A 58 22.47 -0.63 5.26
CA ILE A 58 21.17 -0.98 4.71
C ILE A 58 20.74 0.07 3.70
N LEU A 59 20.91 1.34 4.05
CA LEU A 59 20.58 2.43 3.11
C LEU A 59 21.36 2.31 1.81
N LEU A 60 22.65 1.95 1.88
CA LEU A 60 23.41 1.76 0.66
C LEU A 60 22.82 0.63 -0.19
N MET A 61 22.42 -0.46 0.45
CA MET A 61 21.80 -1.57 -0.27
C MET A 61 20.57 -1.08 -1.02
N LEU A 62 19.71 -0.33 -0.33
CA LEU A 62 18.51 0.24 -0.97
C LEU A 62 18.88 1.23 -2.06
N ALA A 63 19.76 2.19 -1.73
CA ALA A 63 20.14 3.19 -2.71
C ALA A 63 20.77 2.54 -3.94
N ALA A 64 21.47 1.41 -3.76
CA ALA A 64 22.04 0.70 -4.91
C ALA A 64 20.93 0.08 -5.76
N THR A 65 19.99 -0.63 -5.12
CA THR A 65 18.82 -1.17 -5.80
C THR A 65 18.11 -0.11 -6.63
N GLU A 66 18.00 1.10 -6.10
CA GLU A 66 17.26 2.16 -6.76
C GLU A 66 18.10 2.95 -7.77
N GLY A 67 19.40 2.67 -7.88
CA GLY A 67 20.24 3.50 -8.75
C GLY A 67 20.24 4.95 -8.34
N ASP A 68 20.17 5.23 -7.04
CA ASP A 68 20.05 6.57 -6.48
C ASP A 68 21.47 7.12 -6.29
N ARG A 69 21.99 7.76 -7.32
CA ARG A 69 23.38 8.21 -7.27
C ARG A 69 23.64 9.20 -6.14
N PRO A 70 22.87 10.28 -5.96
CA PRO A 70 23.18 11.20 -4.85
C PRO A 70 23.13 10.54 -3.48
N LYS A 71 22.16 9.67 -3.23
CA LYS A 71 22.12 8.95 -1.97
C LYS A 71 23.34 8.04 -1.84
N ILE A 72 23.73 7.38 -2.93
CA ILE A 72 24.89 6.50 -2.89
C ILE A 72 26.13 7.30 -2.50
N GLU A 73 26.31 8.46 -3.12
CA GLU A 73 27.46 9.30 -2.81
C GLU A 73 27.42 9.78 -1.36
N GLU A 74 26.25 10.22 -0.90
CA GLU A 74 26.14 10.64 0.50
C GLU A 74 26.51 9.51 1.45
N LEU A 75 26.03 8.30 1.17
CA LEU A 75 26.23 7.21 2.12
C LEU A 75 27.69 6.77 2.15
N LEU A 76 28.32 6.71 0.98
CA LEU A 76 29.73 6.36 0.93
C LEU A 76 30.60 7.38 1.68
N LYS A 77 30.33 8.67 1.48
CA LYS A 77 31.07 9.70 2.19
C LYS A 77 30.96 9.52 3.69
N ALA A 78 29.83 9.01 4.17
CA ALA A 78 29.66 8.77 5.59
C ALA A 78 30.26 7.45 6.05
N GLY A 79 30.80 6.66 5.14
CA GLY A 79 31.45 5.42 5.48
C GLY A 79 30.65 4.15 5.27
N ALA A 80 29.69 4.14 4.35
CA ALA A 80 28.93 2.93 4.07
C ALA A 80 29.83 1.84 3.48
N ASP A 81 29.64 0.61 3.94
CA ASP A 81 30.43 -0.55 3.52
C ASP A 81 29.63 -1.33 2.47
N TYR A 82 30.20 -1.46 1.26
CA TYR A 82 29.49 -2.10 0.16
C TYR A 82 29.76 -3.60 0.06
N SER A 83 30.44 -4.19 1.04
CA SER A 83 30.69 -5.62 1.06
C SER A 83 29.76 -6.37 2.01
N VAL A 84 28.92 -5.64 2.76
CA VAL A 84 28.02 -6.28 3.72
C VAL A 84 26.92 -7.04 2.98
N LYS A 85 26.61 -8.24 3.46
CA LYS A 85 25.68 -9.15 2.81
C LYS A 85 24.28 -9.01 3.39
N ASP A 86 23.28 -9.15 2.53
CA ASP A 86 21.89 -8.98 2.95
C ASP A 86 21.32 -10.37 3.27
N ALA A 87 19.99 -10.51 3.31
CA ALA A 87 19.42 -11.79 3.72
C ALA A 87 19.57 -12.86 2.66
N ASP A 88 19.88 -12.47 1.42
CA ASP A 88 20.19 -13.39 0.33
C ASP A 88 21.68 -13.60 0.15
N GLY A 89 22.50 -13.06 1.05
CA GLY A 89 23.94 -13.15 0.89
C GLY A 89 24.48 -12.23 -0.19
N ARG A 90 23.76 -11.16 -0.51
CA ARG A 90 24.14 -10.29 -1.61
C ARG A 90 24.43 -8.89 -1.08
N THR A 91 25.27 -8.16 -1.80
CA THR A 91 25.80 -6.88 -1.37
C THR A 91 25.21 -5.75 -2.20
N ALA A 92 25.53 -4.52 -1.79
CA ALA A 92 25.19 -3.33 -2.58
C ALA A 92 25.74 -3.41 -4.00
N ILE A 93 26.91 -4.02 -4.20
CA ILE A 93 27.41 -4.20 -5.56
C ILE A 93 26.47 -5.12 -6.33
N ASP A 94 26.06 -6.22 -5.70
CA ASP A 94 25.11 -7.15 -6.35
C ASP A 94 23.80 -6.44 -6.68
N ARG A 95 23.31 -5.60 -5.76
CA ARG A 95 22.00 -4.93 -5.93
C ARG A 95 22.04 -3.76 -6.91
N ALA A 96 23.21 -3.16 -7.11
CA ALA A 96 23.36 -2.01 -8.05
C ALA A 96 22.56 -2.31 -9.31
N ASN A 97 21.67 -1.41 -9.68
CA ASN A 97 20.76 -1.73 -10.78
C ASN A 97 21.38 -1.50 -12.16
N SER A 98 22.62 -1.05 -12.23
CA SER A 98 23.29 -0.86 -13.52
C SER A 98 24.79 -0.98 -13.36
N GLU A 99 25.49 -1.19 -14.48
CA GLU A 99 26.98 -1.27 -14.44
C GLU A 99 27.53 0.08 -13.94
N GLU A 100 26.94 1.18 -14.42
CA GLU A 100 27.43 2.52 -14.03
C GLU A 100 27.23 2.72 -12.52
N ILE A 101 26.11 2.25 -12.00
CA ILE A 101 25.87 2.33 -10.53
C ILE A 101 26.93 1.44 -9.85
N ARG A 102 27.12 0.23 -10.35
CA ARG A 102 28.15 -0.65 -9.78
C ARG A 102 29.49 0.06 -9.68
N ASP A 103 29.88 0.75 -10.77
CA ASP A 103 31.20 1.37 -10.82
C ASP A 103 31.27 2.67 -10.05
N LEU A 104 30.16 3.39 -9.94
CA LEU A 104 30.14 4.53 -9.03
C LEU A 104 30.47 4.07 -7.63
N ILE A 105 29.91 2.93 -7.20
CA ILE A 105 30.17 2.44 -5.85
C ILE A 105 31.61 1.96 -5.72
N LEU A 106 32.06 1.15 -6.67
CA LEU A 106 33.42 0.64 -6.64
C LEU A 106 34.44 1.76 -6.76
N GLY A 107 34.12 2.79 -7.55
CA GLY A 107 35.06 3.89 -7.80
C GLY A 107 35.03 4.99 -6.76
N TYR A 108 34.63 4.68 -5.52
CA TYR A 108 34.72 5.67 -4.43
C TYR A 108 35.95 5.33 -3.56
N GLY B 14 -16.50 -28.92 4.77
CA GLY B 14 -17.47 -28.69 5.83
C GLY B 14 -16.88 -28.19 7.14
N SER B 15 -16.88 -29.06 8.15
CA SER B 15 -16.49 -28.68 9.50
C SER B 15 -15.02 -28.32 9.56
N GLN B 16 -14.67 -27.46 10.50
CA GLN B 16 -13.27 -27.08 10.65
C GLN B 16 -12.96 -27.02 12.13
N SER B 17 -11.67 -27.14 12.44
CA SER B 17 -11.19 -27.03 13.82
C SER B 17 -9.99 -26.10 13.84
N ARG B 18 -9.42 -25.90 15.03
CA ARG B 18 -8.52 -24.78 15.23
C ARG B 18 -7.29 -24.86 14.32
N ASP B 19 -6.69 -26.05 14.21
CA ASP B 19 -5.45 -26.19 13.45
C ASP B 19 -5.68 -26.26 11.94
N ASP B 20 -6.91 -26.09 11.46
CA ASP B 20 -7.12 -25.95 10.02
C ASP B 20 -6.75 -24.56 9.49
N PHE B 21 -6.32 -23.65 10.35
CA PHE B 21 -6.00 -22.28 9.97
C PHE B 21 -4.51 -22.04 10.24
N ASP B 22 -3.82 -21.48 9.26
CA ASP B 22 -2.38 -21.24 9.39
C ASP B 22 -2.05 -19.80 9.01
N ARG B 23 -0.75 -19.47 9.05
CA ARG B 23 -0.25 -18.13 8.76
C ARG B 23 -0.75 -17.60 7.42
N ASP B 24 -0.75 -18.44 6.38
CA ASP B 24 -1.21 -17.98 5.07
C ASP B 24 -2.69 -17.61 5.09
N ASP B 25 -3.49 -18.35 5.86
CA ASP B 25 -4.90 -17.96 6.02
C ASP B 25 -5.00 -16.55 6.59
N VAL B 26 -4.20 -16.24 7.62
CA VAL B 26 -4.20 -14.92 8.24
C VAL B 26 -3.85 -13.86 7.20
N GLU B 27 -2.76 -14.09 6.47
CA GLU B 27 -2.29 -13.10 5.49
C GLU B 27 -3.30 -12.92 4.34
N GLN B 28 -3.87 -14.01 3.82
CA GLN B 28 -4.89 -13.89 2.74
C GLN B 28 -6.11 -13.09 3.20
N TYR B 29 -6.62 -13.35 4.42
CA TYR B 29 -7.79 -12.61 4.95
C TYR B 29 -7.43 -11.13 5.05
N PHE B 30 -6.28 -10.84 5.65
CA PHE B 30 -5.84 -9.46 5.73
C PHE B 30 -5.87 -8.78 4.36
N ASN B 31 -5.34 -9.46 3.34
CA ASN B 31 -5.28 -8.86 2.02
C ASN B 31 -6.65 -8.68 1.41
N TYR B 32 -7.53 -9.66 1.61
CA TYR B 32 -8.85 -9.57 0.97
C TYR B 32 -9.65 -8.42 1.58
N MET B 33 -9.69 -8.34 2.90
CA MET B 33 -10.38 -7.23 3.55
C MET B 33 -9.67 -5.90 3.29
N GLY B 34 -8.35 -5.90 3.14
CA GLY B 34 -7.67 -4.65 2.77
C GLY B 34 -8.07 -4.17 1.39
N MET B 35 -8.11 -5.08 0.42
CA MET B 35 -8.49 -4.74 -0.97
C MET B 35 -9.90 -4.15 -0.98
N LEU B 36 -10.82 -4.72 -0.19
CA LEU B 36 -12.20 -4.19 -0.10
C LEU B 36 -12.18 -2.81 0.54
N ALA B 37 -11.33 -2.59 1.56
CA ALA B 37 -11.28 -1.27 2.17
C ALA B 37 -10.66 -0.24 1.22
N VAL B 38 -9.56 -0.57 0.56
CA VAL B 38 -8.92 0.36 -0.41
C VAL B 38 -9.90 0.69 -1.54
N GLU B 39 -10.54 -0.31 -2.11
CA GLU B 39 -11.48 -0.08 -3.24
C GLU B 39 -12.61 0.86 -2.81
N GLY B 40 -13.13 0.66 -1.60
CA GLY B 40 -14.24 1.49 -1.11
C GLY B 40 -13.82 2.92 -0.88
N THR B 41 -12.66 3.10 -0.26
CA THR B 41 -12.24 4.48 0.03
C THR B 41 -11.74 5.18 -1.23
N TYR B 42 -11.10 4.46 -2.15
CA TYR B 42 -10.67 5.05 -3.41
C TYR B 42 -11.87 5.47 -4.24
N SER B 43 -12.85 4.57 -4.39
CA SER B 43 -14.06 4.90 -5.14
C SER B 43 -14.79 6.09 -4.54
N LYS B 44 -14.90 6.15 -3.21
CA LYS B 44 -15.60 7.28 -2.60
C LYS B 44 -14.86 8.59 -2.82
N MET B 45 -13.54 8.56 -2.71
CA MET B 45 -12.75 9.75 -2.97
C MET B 45 -12.87 10.19 -4.43
N GLU B 46 -12.85 9.26 -5.38
CA GLU B 46 -12.97 9.66 -6.78
C GLU B 46 -14.35 10.26 -7.05
N ALA B 47 -15.38 9.71 -6.41
CA ALA B 47 -16.72 10.29 -6.53
C ALA B 47 -16.76 11.73 -6.02
N LEU B 48 -16.14 12.00 -4.87
CA LEU B 48 -16.04 13.38 -4.39
C LEU B 48 -15.44 14.29 -5.45
N LEU B 49 -14.33 13.86 -6.04
CA LEU B 49 -13.60 14.67 -7.02
C LEU B 49 -14.44 14.98 -8.25
N ASN B 50 -15.37 14.09 -8.60
CA ASN B 50 -16.29 14.35 -9.70
C ASN B 50 -17.40 15.35 -9.35
N LEU B 51 -17.55 15.69 -8.08
CA LEU B 51 -18.54 16.74 -7.74
C LEU B 51 -17.91 18.13 -7.83
N ASN B 52 -18.75 19.17 -7.83
CA ASN B 52 -18.25 20.56 -7.85
C ASN B 52 -17.83 20.94 -6.43
N ILE B 53 -16.82 20.26 -5.91
CA ILE B 53 -16.25 20.57 -4.58
C ILE B 53 -14.77 20.83 -4.82
N HIS B 54 -14.27 21.92 -4.27
CA HIS B 54 -12.88 22.28 -4.48
C HIS B 54 -11.98 21.16 -3.91
N PRO B 55 -10.97 20.74 -4.66
CA PRO B 55 -9.99 19.77 -4.09
C PRO B 55 -9.46 20.12 -2.70
N VAL B 56 -9.23 21.40 -2.38
CA VAL B 56 -8.67 21.71 -1.05
C VAL B 56 -9.62 21.30 0.07
N ASP B 57 -10.93 21.41 -0.16
CA ASP B 57 -11.87 20.99 0.87
C ASP B 57 -11.95 19.49 0.95
N ILE B 58 -11.84 18.79 -0.18
CA ILE B 58 -11.81 17.34 -0.16
C ILE B 58 -10.57 16.89 0.60
N LEU B 59 -9.43 17.53 0.34
CA LEU B 59 -8.20 17.24 1.08
C LEU B 59 -8.40 17.38 2.59
N LEU B 60 -9.11 18.44 3.02
CA LEU B 60 -9.37 18.57 4.45
C LEU B 60 -10.25 17.45 4.97
N MET B 61 -11.27 17.05 4.19
CA MET B 61 -12.06 15.88 4.58
C MET B 61 -11.17 14.67 4.81
N LEU B 62 -10.25 14.40 3.87
CA LEU B 62 -9.35 13.26 4.00
C LEU B 62 -8.46 13.41 5.22
N ALA B 63 -7.84 14.60 5.40
CA ALA B 63 -6.92 14.79 6.51
C ALA B 63 -7.65 14.71 7.85
N ALA B 64 -8.92 15.08 7.86
CA ALA B 64 -9.70 14.95 9.08
C ALA B 64 -9.94 13.48 9.41
N THR B 65 -10.31 12.70 8.39
CA THR B 65 -10.46 11.25 8.58
C THR B 65 -9.17 10.62 9.10
N GLU B 66 -8.02 11.07 8.59
CA GLU B 66 -6.74 10.52 9.04
C GLU B 66 -6.30 11.04 10.41
N GLY B 67 -6.96 12.04 10.97
CA GLY B 67 -6.41 12.71 12.13
C GLY B 67 -5.04 13.33 11.89
N ASP B 68 -4.75 13.75 10.67
CA ASP B 68 -3.42 14.20 10.27
C ASP B 68 -3.26 15.68 10.64
N ARG B 69 -2.76 15.92 11.85
CA ARG B 69 -2.77 17.28 12.37
C ARG B 69 -1.91 18.26 11.55
N PRO B 70 -0.68 17.94 11.13
CA PRO B 70 0.05 18.89 10.27
C PRO B 70 -0.67 19.22 8.96
N LYS B 71 -1.27 18.23 8.30
CA LYS B 71 -1.95 18.49 7.04
C LYS B 71 -3.20 19.33 7.24
N ILE B 72 -3.92 19.09 8.34
CA ILE B 72 -5.11 19.89 8.66
C ILE B 72 -4.74 21.36 8.81
N GLU B 73 -3.66 21.64 9.55
CA GLU B 73 -3.26 23.04 9.76
C GLU B 73 -2.85 23.69 8.45
N GLU B 74 -2.06 22.99 7.64
CA GLU B 74 -1.66 23.50 6.34
C GLU B 74 -2.89 23.88 5.51
N LEU B 75 -3.89 23.00 5.50
CA LEU B 75 -5.05 23.23 4.65
C LEU B 75 -5.89 24.38 5.18
N LEU B 76 -6.13 24.42 6.50
CA LEU B 76 -6.90 25.51 7.09
C LEU B 76 -6.21 26.85 6.87
N LYS B 77 -4.88 26.89 6.98
CA LYS B 77 -4.16 28.13 6.68
C LYS B 77 -4.32 28.53 5.22
N ALA B 78 -4.52 27.56 4.34
CA ALA B 78 -4.68 27.86 2.92
C ALA B 78 -6.10 28.24 2.56
N GLY B 79 -7.02 28.20 3.52
CA GLY B 79 -8.41 28.57 3.28
C GLY B 79 -9.40 27.44 3.15
N ALA B 80 -9.00 26.20 3.43
CA ALA B 80 -9.95 25.07 3.39
C ALA B 80 -11.13 25.32 4.32
N ASP B 81 -12.28 24.79 3.92
CA ASP B 81 -13.58 25.11 4.50
C ASP B 81 -14.17 23.83 5.10
N TYR B 82 -14.32 23.79 6.42
CA TYR B 82 -14.79 22.58 7.10
C TYR B 82 -16.30 22.49 7.18
N SER B 83 -17.03 23.38 6.52
CA SER B 83 -18.49 23.30 6.44
C SER B 83 -18.99 22.65 5.17
N VAL B 84 -18.08 22.41 4.23
CA VAL B 84 -18.48 21.84 2.92
C VAL B 84 -18.91 20.38 3.13
N LYS B 85 -20.07 20.05 2.59
CA LYS B 85 -20.61 18.68 2.80
C LYS B 85 -20.40 17.81 1.56
N ASP B 86 -20.26 16.50 1.78
CA ASP B 86 -20.25 15.57 0.63
C ASP B 86 -21.72 15.37 0.23
N ALA B 87 -21.99 14.40 -0.63
CA ALA B 87 -23.38 14.09 -1.03
C ALA B 87 -24.16 13.46 0.13
N ASP B 88 -23.44 12.94 1.13
CA ASP B 88 -24.08 12.33 2.33
C ASP B 88 -24.35 13.41 3.36
N GLY B 89 -24.15 14.68 3.00
CA GLY B 89 -24.32 15.78 3.96
C GLY B 89 -23.28 15.79 5.07
N ARG B 90 -22.17 15.08 4.88
CA ARG B 90 -21.11 14.98 5.93
C ARG B 90 -19.95 15.94 5.63
N THR B 91 -19.36 16.53 6.68
CA THR B 91 -18.30 17.52 6.55
C THR B 91 -17.00 16.96 7.10
N ALA B 92 -15.95 17.79 7.06
CA ALA B 92 -14.70 17.37 7.68
C ALA B 92 -14.85 17.27 9.20
N ILE B 93 -15.73 18.09 9.78
CA ILE B 93 -15.98 17.98 11.22
C ILE B 93 -16.59 16.61 11.54
N ASP B 94 -17.53 16.15 10.72
CA ASP B 94 -18.13 14.81 10.95
C ASP B 94 -17.08 13.71 10.75
N ARG B 95 -16.10 13.90 9.88
CA ARG B 95 -15.12 12.83 9.55
C ARG B 95 -14.04 12.68 10.63
N ALA B 96 -13.86 13.69 11.47
CA ALA B 96 -12.86 13.64 12.54
C ALA B 96 -13.18 12.48 13.49
N ASN B 97 -12.18 11.70 13.87
CA ASN B 97 -12.40 10.55 14.74
C ASN B 97 -12.12 10.84 16.20
N SER B 98 -12.34 12.08 16.63
CA SER B 98 -11.72 12.56 17.86
C SER B 98 -12.29 13.93 18.19
N GLU B 99 -12.58 14.19 19.45
CA GLU B 99 -12.99 15.56 19.84
C GLU B 99 -11.80 16.49 19.62
N GLU B 100 -10.59 15.99 19.84
CA GLU B 100 -9.36 16.81 19.72
C GLU B 100 -9.17 17.28 18.27
N ILE B 101 -9.39 16.39 17.31
CA ILE B 101 -9.29 16.77 15.88
C ILE B 101 -10.41 17.77 15.58
N ARG B 102 -11.63 17.43 15.96
CA ARG B 102 -12.72 18.40 15.77
C ARG B 102 -12.34 19.76 16.33
N ASP B 103 -11.85 19.79 17.58
CA ASP B 103 -11.51 21.06 18.20
C ASP B 103 -10.28 21.71 17.57
N LEU B 104 -9.36 20.91 17.03
CA LEU B 104 -8.28 21.50 16.24
C LEU B 104 -8.83 22.26 15.04
N ILE B 105 -9.78 21.65 14.33
CA ILE B 105 -10.28 22.29 13.11
C ILE B 105 -11.11 23.50 13.45
N LEU B 106 -11.98 23.39 14.46
CA LEU B 106 -12.81 24.51 14.89
C LEU B 106 -11.98 25.64 15.47
N GLY B 107 -10.84 25.32 16.10
CA GLY B 107 -10.05 26.33 16.83
C GLY B 107 -9.15 27.22 15.99
N TYR B 108 -8.93 26.89 14.72
CA TYR B 108 -8.15 27.81 13.85
C TYR B 108 -8.95 29.10 13.65
N GLY C 14 6.06 29.23 0.24
CA GLY C 14 5.65 29.46 1.61
C GLY C 14 4.14 29.47 1.79
N SER C 15 3.54 30.66 1.63
CA SER C 15 2.11 30.80 1.76
C SER C 15 1.39 30.05 0.64
N GLN C 16 0.18 29.58 0.95
CA GLN C 16 -0.65 28.89 -0.02
C GLN C 16 -2.09 29.36 0.16
N SER C 17 -2.87 29.26 -0.91
CA SER C 17 -4.29 29.60 -0.89
C SER C 17 -5.05 28.43 -1.50
N ARG C 18 -6.38 28.56 -1.59
CA ARG C 18 -7.22 27.40 -1.92
C ARG C 18 -6.85 26.80 -3.28
N ASP C 19 -6.64 27.65 -4.29
CA ASP C 19 -6.43 27.16 -5.65
C ASP C 19 -5.04 26.59 -5.88
N ASP C 20 -4.16 26.63 -4.88
CA ASP C 20 -2.90 25.92 -4.94
C ASP C 20 -3.05 24.40 -4.84
N PHE C 21 -4.26 23.90 -4.57
CA PHE C 21 -4.48 22.47 -4.37
C PHE C 21 -5.43 21.99 -5.44
N ASP C 22 -5.06 20.90 -6.13
CA ASP C 22 -5.87 20.40 -7.23
C ASP C 22 -6.14 18.90 -7.06
N ARG C 23 -6.87 18.35 -8.04
CA ARG C 23 -7.24 16.93 -8.05
C ARG C 23 -6.02 16.04 -7.85
N ASP C 24 -4.88 16.38 -8.47
CA ASP C 24 -3.69 15.56 -8.32
C ASP C 24 -3.22 15.51 -6.88
N ASP C 25 -3.27 16.64 -6.17
CA ASP C 25 -2.89 16.64 -4.74
C ASP C 25 -3.81 15.74 -3.92
N VAL C 26 -5.10 15.69 -4.29
CA VAL C 26 -6.02 14.84 -3.54
C VAL C 26 -5.62 13.37 -3.70
N GLU C 27 -5.44 12.95 -4.95
CA GLU C 27 -5.08 11.56 -5.24
C GLU C 27 -3.73 11.18 -4.64
N GLN C 28 -2.74 12.06 -4.77
CA GLN C 28 -1.42 11.77 -4.21
C GLN C 28 -1.48 11.65 -2.69
N TYR C 29 -2.25 12.52 -2.03
CA TYR C 29 -2.39 12.42 -0.57
C TYR C 29 -3.10 11.11 -0.18
N PHE C 30 -4.16 10.76 -0.90
CA PHE C 30 -4.84 9.48 -0.67
C PHE C 30 -3.89 8.30 -0.86
N ASN C 31 -3.23 8.23 -2.02
CA ASN C 31 -2.32 7.11 -2.28
C ASN C 31 -1.24 7.04 -1.22
N TYR C 32 -0.68 8.18 -0.84
CA TYR C 32 0.39 8.18 0.17
C TYR C 32 -0.11 7.70 1.53
N MET C 33 -1.24 8.24 2.00
CA MET C 33 -1.78 7.77 3.28
C MET C 33 -2.21 6.32 3.21
N GLY C 34 -2.66 5.85 2.03
CA GLY C 34 -3.02 4.46 1.87
C GLY C 34 -1.81 3.55 2.02
N MET C 35 -0.66 3.98 1.48
CA MET C 35 0.59 3.24 1.64
C MET C 35 0.95 3.10 3.11
N LEU C 36 0.94 4.21 3.85
CA LEU C 36 1.21 4.18 5.28
C LEU C 36 0.22 3.30 6.05
N ALA C 37 -1.05 3.28 5.65
CA ALA C 37 -2.01 2.48 6.41
C ALA C 37 -1.84 0.99 6.14
N VAL C 38 -1.56 0.62 4.89
CA VAL C 38 -1.23 -0.77 4.57
C VAL C 38 0.03 -1.20 5.30
N GLU C 39 1.05 -0.35 5.29
CA GLU C 39 2.26 -0.63 6.05
C GLU C 39 1.97 -0.78 7.54
N GLY C 40 1.18 0.13 8.11
CA GLY C 40 0.94 0.08 9.54
C GLY C 40 0.13 -1.14 9.95
N THR C 41 -0.96 -1.41 9.25
CA THR C 41 -1.79 -2.56 9.64
C THR C 41 -1.12 -3.89 9.29
N TYR C 42 -0.34 -3.94 8.21
CA TYR C 42 0.39 -5.17 7.88
C TYR C 42 1.44 -5.47 8.93
N SER C 43 2.22 -4.47 9.34
CA SER C 43 3.23 -4.71 10.36
C SER C 43 2.59 -5.22 11.64
N LYS C 44 1.42 -4.69 12.00
CA LYS C 44 0.74 -5.12 13.25
C LYS C 44 0.34 -6.59 13.13
N MET C 45 -0.26 -6.97 12.00
CA MET C 45 -0.71 -8.37 11.81
C MET C 45 0.51 -9.30 11.83
N GLU C 46 1.60 -8.87 11.19
CA GLU C 46 2.83 -9.70 11.14
C GLU C 46 3.36 -9.84 12.57
N ALA C 47 3.27 -8.77 13.35
CA ALA C 47 3.71 -8.86 14.74
C ALA C 47 2.87 -9.86 15.54
N LEU C 48 1.54 -9.88 15.32
CA LEU C 48 0.70 -10.88 15.97
C LEU C 48 1.17 -12.28 15.64
N LEU C 49 1.46 -12.54 14.36
CA LEU C 49 1.92 -13.85 13.93
C LEU C 49 3.24 -14.23 14.60
N ASN C 50 4.03 -13.24 14.98
CA ASN C 50 5.31 -13.51 15.63
C ASN C 50 5.20 -13.52 17.14
N LEU C 51 3.99 -13.40 17.66
CA LEU C 51 3.80 -13.59 19.11
C LEU C 51 3.37 -15.06 19.26
N ASN C 52 3.16 -15.55 20.48
CA ASN C 52 2.67 -16.95 20.62
C ASN C 52 1.14 -16.96 20.51
N ILE C 53 0.60 -16.75 19.30
CA ILE C 53 -0.88 -16.64 19.12
C ILE C 53 -1.29 -17.52 17.95
N HIS C 54 -2.25 -18.40 18.17
CA HIS C 54 -2.70 -19.28 17.10
C HIS C 54 -3.30 -18.48 15.95
N PRO C 55 -2.98 -18.84 14.69
CA PRO C 55 -3.62 -18.16 13.54
C PRO C 55 -5.13 -18.05 13.62
N VAL C 56 -5.83 -19.09 14.08
CA VAL C 56 -7.27 -19.00 14.09
C VAL C 56 -7.73 -17.90 15.02
N ASP C 57 -6.99 -17.67 16.10
CA ASP C 57 -7.34 -16.62 17.04
C ASP C 57 -7.00 -15.24 16.46
N ILE C 58 -5.89 -15.15 15.72
CA ILE C 58 -5.58 -13.90 15.00
C ILE C 58 -6.69 -13.58 14.02
N LEU C 59 -7.16 -14.59 13.28
CA LEU C 59 -8.22 -14.35 12.31
C LEU C 59 -9.48 -13.84 12.99
N LEU C 60 -9.77 -14.33 14.20
CA LEU C 60 -10.95 -13.84 14.91
C LEU C 60 -10.78 -12.38 15.25
N MET C 61 -9.59 -11.99 15.72
CA MET C 61 -9.31 -10.59 16.00
C MET C 61 -9.50 -9.73 14.75
N LEU C 62 -9.01 -10.23 13.60
CA LEU C 62 -9.17 -9.51 12.34
C LEU C 62 -10.63 -9.38 11.96
N ALA C 63 -11.37 -10.50 12.00
CA ALA C 63 -12.76 -10.49 11.60
C ALA C 63 -13.61 -9.62 12.52
N ALA C 64 -13.25 -9.56 13.81
CA ALA C 64 -13.98 -8.72 14.78
C ALA C 64 -13.76 -7.25 14.43
N THR C 65 -12.53 -6.89 14.11
CA THR C 65 -12.20 -5.48 13.76
C THR C 65 -13.02 -5.13 12.53
N GLU C 66 -13.14 -6.07 11.60
CA GLU C 66 -13.86 -5.81 10.33
C GLU C 66 -15.38 -5.92 10.45
N GLY C 67 -15.93 -6.35 11.61
CA GLY C 67 -17.37 -6.56 11.64
C GLY C 67 -17.85 -7.61 10.67
N ASP C 68 -17.04 -8.64 10.41
CA ASP C 68 -17.31 -9.60 9.35
C ASP C 68 -18.09 -10.77 9.95
N ARG C 69 -19.42 -10.69 9.91
CA ARG C 69 -20.25 -11.68 10.59
C ARG C 69 -20.08 -13.10 10.07
N PRO C 70 -20.11 -13.39 8.76
CA PRO C 70 -19.95 -14.77 8.32
C PRO C 70 -18.61 -15.34 8.77
N LYS C 71 -17.52 -14.56 8.62
CA LYS C 71 -16.17 -15.04 9.01
C LYS C 71 -16.14 -15.30 10.52
N ILE C 72 -16.73 -14.41 11.30
CA ILE C 72 -16.72 -14.54 12.79
C ILE C 72 -17.40 -15.86 13.13
N GLU C 73 -18.52 -16.16 12.46
CA GLU C 73 -19.24 -17.39 12.74
C GLU C 73 -18.43 -18.61 12.32
N GLU C 74 -17.80 -18.57 11.14
CA GLU C 74 -16.91 -19.66 10.71
C GLU C 74 -15.84 -19.93 11.75
N LEU C 75 -15.17 -18.89 12.24
CA LEU C 75 -14.05 -19.08 13.15
C LEU C 75 -14.52 -19.58 14.52
N LEU C 76 -15.63 -19.03 15.02
CA LEU C 76 -16.14 -19.50 16.31
C LEU C 76 -16.52 -20.98 16.23
N LYS C 77 -17.15 -21.40 15.13
CA LYS C 77 -17.47 -22.81 14.94
C LYS C 77 -16.21 -23.67 14.99
N ALA C 78 -15.09 -23.15 14.45
CA ALA C 78 -13.85 -23.91 14.42
C ALA C 78 -13.10 -23.85 15.74
N GLY C 79 -13.63 -23.15 16.73
CA GLY C 79 -13.01 -23.11 18.03
C GLY C 79 -12.12 -21.92 18.32
N ALA C 80 -12.23 -20.83 17.56
CA ALA C 80 -11.51 -19.61 17.86
C ALA C 80 -11.88 -19.11 19.26
N ASP C 81 -10.90 -18.49 19.92
CA ASP C 81 -10.96 -18.07 21.32
C ASP C 81 -10.96 -16.55 21.37
N TYR C 82 -12.05 -15.98 21.88
CA TYR C 82 -12.17 -14.53 21.92
C TYR C 82 -11.55 -13.90 23.18
N SER C 83 -10.86 -14.67 24.01
CA SER C 83 -10.22 -14.11 25.19
C SER C 83 -8.72 -13.90 25.01
N VAL C 84 -8.15 -14.29 23.87
CA VAL C 84 -6.72 -14.13 23.63
C VAL C 84 -6.41 -12.66 23.42
N LYS C 85 -5.30 -12.21 24.00
CA LYS C 85 -4.90 -10.81 23.92
C LYS C 85 -3.90 -10.59 22.79
N ASP C 86 -4.00 -9.43 22.15
CA ASP C 86 -3.10 -9.06 21.07
C ASP C 86 -1.90 -8.32 21.66
N ALA C 87 -1.15 -7.62 20.80
CA ALA C 87 0.04 -6.91 21.24
C ALA C 87 -0.28 -5.74 22.16
N ASP C 88 -1.50 -5.19 22.10
CA ASP C 88 -1.93 -4.13 22.98
C ASP C 88 -2.65 -4.65 24.21
N GLY C 89 -2.62 -5.95 24.46
CA GLY C 89 -3.41 -6.53 25.52
C GLY C 89 -4.91 -6.50 25.28
N ARG C 90 -5.34 -6.38 24.03
CA ARG C 90 -6.76 -6.32 23.68
C ARG C 90 -7.19 -7.61 22.99
N THR C 91 -8.49 -7.93 23.11
CA THR C 91 -9.06 -9.15 22.60
C THR C 91 -9.93 -8.89 21.39
N ALA C 92 -10.44 -9.99 20.79
CA ALA C 92 -11.44 -9.86 19.74
C ALA C 92 -12.68 -9.11 20.24
N ILE C 93 -13.03 -9.29 21.52
CA ILE C 93 -14.16 -8.52 22.07
C ILE C 93 -13.86 -7.04 22.02
N ASP C 94 -12.67 -6.65 22.50
CA ASP C 94 -12.25 -5.26 22.44
C ASP C 94 -12.25 -4.74 21.01
N ARG C 95 -11.82 -5.57 20.07
CA ARG C 95 -11.65 -5.13 18.70
C ARG C 95 -12.95 -5.03 17.94
N ALA C 96 -14.01 -5.70 18.40
CA ALA C 96 -15.26 -5.72 17.66
C ALA C 96 -15.70 -4.30 17.39
N ASN C 97 -16.12 -4.02 16.15
CA ASN C 97 -16.38 -2.65 15.75
C ASN C 97 -17.81 -2.20 16.05
N SER C 98 -18.61 -2.99 16.77
CA SER C 98 -19.95 -2.57 17.14
C SER C 98 -20.46 -3.44 18.28
N GLU C 99 -21.47 -2.95 19.01
CA GLU C 99 -22.09 -3.75 20.09
C GLU C 99 -22.67 -5.04 19.51
N GLU C 100 -23.27 -4.94 18.33
CA GLU C 100 -23.90 -6.11 17.68
C GLU C 100 -22.84 -7.16 17.37
N ILE C 101 -21.68 -6.73 16.91
CA ILE C 101 -20.56 -7.67 16.63
C ILE C 101 -20.05 -8.24 17.96
N ARG C 102 -19.89 -7.39 18.98
CA ARG C 102 -19.48 -7.91 20.29
C ARG C 102 -20.43 -8.99 20.78
N ASP C 103 -21.73 -8.79 20.58
CA ASP C 103 -22.71 -9.72 21.13
C ASP C 103 -22.75 -11.01 20.32
N LEU C 104 -22.62 -10.91 18.99
CA LEU C 104 -22.50 -12.09 18.16
C LEU C 104 -21.39 -13.00 18.67
N ILE C 105 -20.22 -12.44 18.95
CA ILE C 105 -19.10 -13.27 19.41
C ILE C 105 -19.43 -13.88 20.77
N LEU C 106 -19.90 -13.04 21.70
CA LEU C 106 -20.18 -13.51 23.05
C LEU C 106 -21.33 -14.53 23.08
N GLY C 107 -22.30 -14.37 22.18
CA GLY C 107 -23.51 -15.16 22.19
C GLY C 107 -23.38 -16.51 21.54
N TYR C 108 -22.20 -16.86 21.05
CA TYR C 108 -22.01 -18.13 20.37
C TYR C 108 -21.99 -19.32 21.34
N SER D 15 30.35 17.36 7.41
CA SER D 15 30.35 15.99 6.92
C SER D 15 29.47 15.11 7.82
N GLN D 16 29.32 13.84 7.43
CA GLN D 16 28.48 12.91 8.15
C GLN D 16 29.25 11.67 8.53
N SER D 17 28.73 10.92 9.52
CA SER D 17 29.37 9.66 9.96
C SER D 17 28.42 8.46 9.84
N ARG D 18 28.94 7.24 10.01
CA ARG D 18 28.13 6.00 9.86
C ARG D 18 27.01 5.98 10.91
N ASP D 19 27.32 6.40 12.13
CA ASP D 19 26.32 6.32 13.22
C ASP D 19 25.31 7.47 13.11
N ASP D 20 25.43 8.32 12.09
CA ASP D 20 24.40 9.33 11.91
C ASP D 20 23.15 8.78 11.22
N PHE D 21 23.06 7.47 11.01
CA PHE D 21 21.97 6.85 10.28
C PHE D 21 21.33 5.78 11.15
N ASP D 22 20.02 5.88 11.35
CA ASP D 22 19.31 5.02 12.30
C ASP D 22 18.18 4.26 11.60
N ARG D 23 17.49 3.43 12.38
CA ARG D 23 16.37 2.64 11.88
C ARG D 23 15.34 3.51 11.19
N ASP D 24 15.00 4.66 11.79
CA ASP D 24 14.02 5.56 11.20
C ASP D 24 14.46 6.04 9.82
N ASP D 25 15.77 6.24 9.63
CA ASP D 25 16.28 6.60 8.29
C ASP D 25 15.98 5.49 7.28
N VAL D 26 16.20 4.24 7.66
CA VAL D 26 15.87 3.12 6.78
C VAL D 26 14.40 3.15 6.39
N GLU D 27 13.53 3.27 7.39
CA GLU D 27 12.09 3.29 7.14
C GLU D 27 11.69 4.48 6.28
N GLN D 28 12.24 5.66 6.57
CA GLN D 28 11.89 6.86 5.81
C GLN D 28 12.36 6.73 4.37
N TYR D 29 13.50 6.08 4.13
CA TYR D 29 14.02 5.98 2.74
C TYR D 29 13.15 5.00 1.94
N PHE D 30 12.78 3.86 2.53
CA PHE D 30 11.86 2.92 1.86
C PHE D 30 10.55 3.63 1.48
N ASN D 31 9.99 4.40 2.41
CA ASN D 31 8.71 5.09 2.16
C ASN D 31 8.89 6.16 1.06
N TYR D 32 9.97 6.91 1.14
CA TYR D 32 10.19 7.92 0.12
C TYR D 32 10.30 7.29 -1.27
N MET D 33 11.08 6.22 -1.38
CA MET D 33 11.23 5.57 -2.69
C MET D 33 9.94 4.87 -3.10
N GLY D 34 9.23 4.27 -2.14
CA GLY D 34 7.96 3.63 -2.47
C GLY D 34 6.90 4.61 -2.93
N MET D 35 6.89 5.81 -2.33
CA MET D 35 5.97 6.85 -2.77
C MET D 35 6.28 7.29 -4.20
N LEU D 36 7.56 7.54 -4.50
CA LEU D 36 7.94 7.95 -5.85
C LEU D 36 7.55 6.91 -6.89
N ALA D 37 7.75 5.62 -6.57
CA ALA D 37 7.33 4.55 -7.47
C ALA D 37 5.82 4.58 -7.70
N VAL D 38 5.05 4.55 -6.62
CA VAL D 38 3.59 4.57 -6.72
C VAL D 38 3.13 5.77 -7.52
N GLU D 39 3.67 6.96 -7.20
CA GLU D 39 3.17 8.16 -7.85
C GLU D 39 3.48 8.16 -9.34
N GLY D 40 4.63 7.62 -9.73
CA GLY D 40 4.96 7.59 -11.14
C GLY D 40 4.08 6.63 -11.90
N THR D 41 3.93 5.41 -11.38
CA THR D 41 3.14 4.39 -12.06
C THR D 41 1.65 4.73 -12.04
N TYR D 42 1.15 5.26 -10.91
CA TYR D 42 -0.25 5.71 -10.86
C TYR D 42 -0.54 6.70 -11.98
N SER D 43 0.29 7.74 -12.10
CA SER D 43 0.06 8.77 -13.11
C SER D 43 0.13 8.19 -14.53
N LYS D 44 1.10 7.34 -14.79
CA LYS D 44 1.20 6.72 -16.11
C LYS D 44 -0.04 5.89 -16.40
N MET D 45 -0.49 5.11 -15.42
CA MET D 45 -1.69 4.30 -15.58
C MET D 45 -2.90 5.17 -15.90
N GLU D 46 -3.10 6.25 -15.13
CA GLU D 46 -4.24 7.13 -15.38
C GLU D 46 -4.17 7.79 -16.76
N ALA D 47 -2.96 8.11 -17.25
CA ALA D 47 -2.83 8.71 -18.56
C ALA D 47 -3.26 7.73 -19.65
N LEU D 48 -2.83 6.47 -19.53
CA LEU D 48 -3.24 5.41 -20.46
C LEU D 48 -4.76 5.29 -20.53
N LEU D 49 -5.42 5.32 -19.36
CA LEU D 49 -6.87 5.31 -19.33
C LEU D 49 -7.46 6.50 -20.08
N ASN D 50 -6.94 7.71 -19.83
CA ASN D 50 -7.44 8.89 -20.51
C ASN D 50 -7.04 8.95 -21.98
N LEU D 51 -6.07 8.13 -22.39
CA LEU D 51 -5.71 7.97 -23.78
C LEU D 51 -6.61 6.98 -24.50
N ASN D 52 -7.70 6.57 -23.84
CA ASN D 52 -8.69 5.64 -24.38
C ASN D 52 -8.06 4.39 -24.97
N ILE D 53 -6.97 3.93 -24.37
CA ILE D 53 -6.54 2.55 -24.55
C ILE D 53 -7.51 1.65 -23.80
N HIS D 54 -7.89 0.53 -24.41
CA HIS D 54 -8.94 -0.29 -23.80
C HIS D 54 -8.48 -0.83 -22.46
N PRO D 55 -9.33 -0.79 -21.44
CA PRO D 55 -8.94 -1.33 -20.13
C PRO D 55 -8.35 -2.72 -20.15
N VAL D 56 -8.85 -3.63 -20.98
CA VAL D 56 -8.34 -4.99 -20.94
C VAL D 56 -6.90 -5.02 -21.44
N ASP D 57 -6.55 -4.12 -22.37
CA ASP D 57 -5.17 -4.08 -22.86
C ASP D 57 -4.24 -3.42 -21.85
N ILE D 58 -4.74 -2.42 -21.12
CA ILE D 58 -3.94 -1.83 -20.04
C ILE D 58 -3.70 -2.86 -18.95
N LEU D 59 -4.71 -3.67 -18.65
CA LEU D 59 -4.56 -4.69 -17.62
C LEU D 59 -3.49 -5.71 -18.00
N LEU D 60 -3.39 -6.04 -19.29
CA LEU D 60 -2.34 -6.95 -19.73
C LEU D 60 -0.96 -6.31 -19.55
N MET D 61 -0.85 -5.02 -19.85
CA MET D 61 0.41 -4.31 -19.61
C MET D 61 0.81 -4.39 -18.14
N LEU D 62 -0.14 -4.13 -17.23
CA LEU D 62 0.16 -4.16 -15.80
C LEU D 62 0.48 -5.57 -15.33
N ALA D 63 -0.36 -6.54 -15.71
CA ALA D 63 -0.09 -7.92 -15.31
C ALA D 63 1.24 -8.42 -15.85
N ALA D 64 1.64 -7.96 -17.06
CA ALA D 64 2.94 -8.35 -17.59
C ALA D 64 4.06 -7.76 -16.73
N THR D 65 3.96 -6.47 -16.39
CA THR D 65 4.95 -5.86 -15.50
C THR D 65 5.08 -6.65 -14.20
N GLU D 66 3.96 -7.15 -13.67
CA GLU D 66 3.96 -7.89 -12.41
C GLU D 66 4.34 -9.35 -12.57
N GLY D 67 4.45 -9.86 -13.78
CA GLY D 67 4.67 -11.29 -13.93
C GLY D 67 3.57 -12.11 -13.29
N ASP D 68 2.33 -11.64 -13.38
CA ASP D 68 1.17 -12.24 -12.71
C ASP D 68 0.58 -13.26 -13.68
N ARG D 69 1.07 -14.50 -13.60
CA ARG D 69 0.73 -15.51 -14.60
C ARG D 69 -0.77 -15.81 -14.66
N PRO D 70 -1.48 -16.02 -13.54
CA PRO D 70 -2.93 -16.25 -13.65
C PRO D 70 -3.69 -15.08 -14.24
N LYS D 71 -3.31 -13.86 -13.88
CA LYS D 71 -3.98 -12.69 -14.46
C LYS D 71 -3.72 -12.60 -15.96
N ILE D 72 -2.47 -12.80 -16.38
CA ILE D 72 -2.13 -12.77 -17.82
C ILE D 72 -2.96 -13.79 -18.60
N GLU D 73 -3.07 -15.01 -18.09
CA GLU D 73 -3.84 -16.02 -18.80
C GLU D 73 -5.33 -15.66 -18.85
N GLU D 74 -5.87 -15.15 -17.74
CA GLU D 74 -7.25 -14.69 -17.74
C GLU D 74 -7.47 -13.63 -18.80
N LEU D 75 -6.58 -12.64 -18.83
CA LEU D 75 -6.75 -11.52 -19.76
C LEU D 75 -6.61 -11.96 -21.22
N LEU D 76 -5.70 -12.90 -21.50
CA LEU D 76 -5.51 -13.32 -22.90
C LEU D 76 -6.71 -14.14 -23.38
N LYS D 77 -7.24 -15.04 -22.55
CA LYS D 77 -8.49 -15.72 -22.87
C LYS D 77 -9.58 -14.72 -23.21
N ALA D 78 -9.67 -13.63 -22.45
CA ALA D 78 -10.72 -12.64 -22.67
C ALA D 78 -10.50 -11.79 -23.91
N GLY D 79 -9.36 -11.94 -24.58
CA GLY D 79 -9.11 -11.22 -25.81
C GLY D 79 -8.15 -10.07 -25.72
N ALA D 80 -7.41 -9.94 -24.61
CA ALA D 80 -6.42 -8.87 -24.48
C ALA D 80 -5.37 -8.98 -25.58
N ASP D 81 -4.91 -7.83 -26.07
CA ASP D 81 -4.04 -7.73 -27.24
C ASP D 81 -2.65 -7.25 -26.81
N TYR D 82 -1.64 -8.11 -26.97
CA TYR D 82 -0.30 -7.80 -26.49
C TYR D 82 0.54 -7.02 -27.50
N SER D 83 -0.06 -6.51 -28.57
CA SER D 83 0.68 -5.64 -29.49
C SER D 83 0.44 -4.15 -29.23
N VAL D 84 -0.47 -3.80 -28.33
CA VAL D 84 -0.78 -2.40 -28.05
C VAL D 84 0.39 -1.72 -27.34
N LYS D 85 0.67 -0.47 -27.72
CA LYS D 85 1.81 0.28 -27.18
C LYS D 85 1.37 1.31 -26.15
N ASP D 86 2.13 1.42 -25.07
CA ASP D 86 1.86 2.37 -24.02
C ASP D 86 2.48 3.72 -24.38
N ALA D 87 2.55 4.62 -23.39
CA ALA D 87 3.02 5.98 -23.62
C ALA D 87 4.49 6.02 -24.02
N ASP D 88 5.28 5.01 -23.66
CA ASP D 88 6.68 4.93 -24.07
C ASP D 88 6.86 4.10 -25.34
N GLY D 89 5.79 3.83 -26.09
CA GLY D 89 5.88 2.99 -27.28
C GLY D 89 6.07 1.51 -27.02
N ARG D 90 5.83 1.05 -25.79
CA ARG D 90 6.17 -0.30 -25.39
C ARG D 90 4.92 -1.13 -25.16
N THR D 91 5.05 -2.44 -25.38
CA THR D 91 3.93 -3.36 -25.28
C THR D 91 4.00 -4.17 -23.99
N ALA D 92 2.97 -4.99 -23.79
CA ALA D 92 3.02 -5.97 -22.71
C ALA D 92 4.20 -6.93 -22.88
N ILE D 93 4.59 -7.23 -24.12
CA ILE D 93 5.77 -8.07 -24.31
C ILE D 93 7.01 -7.38 -23.75
N ASP D 94 7.14 -6.07 -24.02
CA ASP D 94 8.29 -5.32 -23.53
C ASP D 94 8.28 -5.20 -22.02
N ARG D 95 7.10 -5.02 -21.42
CA ARG D 95 6.97 -4.85 -19.98
C ARG D 95 7.22 -6.14 -19.21
N ALA D 96 7.17 -7.29 -19.88
CA ALA D 96 7.39 -8.55 -19.19
C ALA D 96 8.74 -8.53 -18.48
N ASN D 97 8.76 -9.10 -17.29
CA ASN D 97 9.97 -9.06 -16.47
C ASN D 97 10.90 -10.24 -16.72
N SER D 98 10.53 -11.17 -17.60
CA SER D 98 11.39 -12.33 -17.80
C SER D 98 11.06 -12.99 -19.13
N GLU D 99 11.94 -13.88 -19.59
CA GLU D 99 11.68 -14.63 -20.84
C GLU D 99 10.46 -15.54 -20.62
N GLU D 100 10.33 -16.11 -19.42
CA GLU D 100 9.22 -17.04 -19.14
C GLU D 100 7.87 -16.32 -19.34
N ILE D 101 7.77 -15.08 -18.88
CA ILE D 101 6.49 -14.32 -19.02
C ILE D 101 6.32 -13.91 -20.48
N ARG D 102 7.40 -13.45 -21.12
CA ARG D 102 7.29 -13.14 -22.54
C ARG D 102 6.71 -14.33 -23.31
N ASP D 103 7.29 -15.51 -23.11
CA ASP D 103 6.87 -16.71 -23.86
C ASP D 103 5.48 -17.17 -23.45
N LEU D 104 5.11 -17.01 -22.18
CA LEU D 104 3.74 -17.30 -21.75
C LEU D 104 2.75 -16.48 -22.57
N ILE D 105 3.04 -15.18 -22.74
CA ILE D 105 2.13 -14.33 -23.49
C ILE D 105 2.12 -14.71 -24.96
N LEU D 106 3.31 -14.84 -25.56
CA LEU D 106 3.40 -15.17 -26.98
C LEU D 106 2.85 -16.56 -27.25
N GLY D 107 3.10 -17.51 -26.36
CA GLY D 107 2.71 -18.91 -26.63
C GLY D 107 1.24 -19.21 -26.44
N TYR D 108 0.41 -18.22 -26.13
CA TYR D 108 -1.02 -18.51 -25.85
C TYR D 108 -1.72 -19.02 -27.12
#